data_5IJX
#
_entry.id   5IJX
#
_cell.length_a   117.173
_cell.length_b   75.785
_cell.length_c   52.316
_cell.angle_alpha   90.00
_cell.angle_beta   94.55
_cell.angle_gamma   90.00
#
_symmetry.space_group_name_H-M   'C 1 2 1'
#
loop_
_entity.id
_entity.type
_entity.pdbx_description
1 polymer 'Tyrosine--tRNA ligase, mitochondrial'
2 non-polymer TYROSINE
3 water water
#
_entity_poly.entity_id   1
_entity_poly.type   'polypeptide(L)'
_entity_poly.pdbx_seq_one_letter_code
;GAQKRHITQQHLRRTAEAEEQWKLQAKEIEAGRKQSFLSFLEERGLVNSVVGQRDALDKLITRKRVGFYAGVDPTAPSLH
IGH(MSE)LPF(MSE)ILGWAYVHGLKAVFLIGGSTAKIGDPTGRLEGRPL(MSE)DGATRRANIANIHLQLKRLGFSFE
KYGRKHGFEWEWAWRRALENNNTWWNKQSLKEV(MSE)EVLGTSLRLGP(MSE)LGRDYVKSRLASGEG(MSE)SIAEFC
YPI(MSE)QGWDFWYLFQRKVQVQVGGSDQYGNILFG(MSE)DAIKGILKANPESEWAPKKDEDPDLANPYGITTPLLTT
ASGEKIGKSAGNAVWLDKD(MSE)TSCYDLYQYFVRVADSDVERYLK(MSE)FTFVPTPAIKEL(MSE)EEHAKDPSKRV
AQHKLAREFVELIHGSLSAEQAAKDHRT
;
_entity_poly.pdbx_strand_id   A
#
# COMPACT_ATOMS: atom_id res chain seq x y z
N ARG A 5 18.65 -1.34 29.68
CA ARG A 5 20.09 -1.48 29.95
C ARG A 5 20.71 -2.45 28.96
N HIS A 6 20.65 -3.74 29.29
CA HIS A 6 21.13 -4.80 28.40
C HIS A 6 20.09 -5.24 27.38
N ILE A 7 18.93 -4.59 27.35
CA ILE A 7 17.91 -4.94 26.37
C ILE A 7 18.30 -4.43 24.98
N THR A 8 19.00 -3.30 24.93
CA THR A 8 19.60 -2.85 23.67
C THR A 8 20.53 -3.91 23.09
N GLN A 9 21.19 -4.69 23.95
CA GLN A 9 22.08 -5.74 23.48
C GLN A 9 21.30 -6.86 22.82
N GLN A 10 20.29 -7.41 23.53
CA GLN A 10 19.45 -8.45 22.94
C GLN A 10 18.84 -7.98 21.62
N HIS A 11 18.25 -6.78 21.63
CA HIS A 11 17.61 -6.27 20.42
C HIS A 11 18.61 -6.14 19.29
N LEU A 12 19.79 -5.58 19.57
CA LEU A 12 20.80 -5.43 18.52
C LEU A 12 21.21 -6.79 17.95
N ARG A 13 21.42 -7.78 18.82
CA ARG A 13 21.73 -9.12 18.36
C ARG A 13 20.65 -9.63 17.41
N ARG A 14 19.39 -9.60 17.87
CA ARG A 14 18.28 -10.01 17.02
C ARG A 14 18.33 -9.32 15.66
N THR A 15 18.52 -8.00 15.68
CA THR A 15 18.64 -7.25 14.43
C THR A 15 19.72 -7.85 13.54
N ALA A 16 20.90 -8.11 14.11
CA ALA A 16 21.98 -8.69 13.32
C ALA A 16 21.55 -10.01 12.70
N GLU A 17 20.94 -10.89 13.49
CA GLU A 17 20.46 -12.16 12.96
C GLU A 17 19.51 -11.95 11.79
N ALA A 18 18.55 -11.03 11.95
CA ALA A 18 17.64 -10.72 10.85
C ALA A 18 18.42 -10.30 9.60
N GLU A 19 19.42 -9.44 9.77
CA GLU A 19 20.23 -9.03 8.63
C GLU A 19 20.92 -10.22 7.98
N GLU A 20 21.39 -11.17 8.79
CA GLU A 20 21.98 -12.38 8.24
C GLU A 20 20.97 -13.13 7.38
N GLN A 21 19.80 -13.42 7.95
CA GLN A 21 18.75 -14.09 7.18
C GLN A 21 18.51 -13.38 5.86
N TRP A 22 18.44 -12.05 5.89
CA TRP A 22 18.17 -11.30 4.66
C TRP A 22 19.34 -11.40 3.68
N LYS A 23 20.58 -11.47 4.17
CA LYS A 23 21.72 -11.59 3.28
C LYS A 23 21.76 -12.97 2.61
N LEU A 24 21.49 -14.04 3.38
CA LEU A 24 21.41 -15.36 2.79
C LEU A 24 20.29 -15.43 1.75
N GLN A 25 19.07 -15.04 2.14
CA GLN A 25 17.97 -14.99 1.19
C GLN A 25 18.36 -14.19 -0.04
N ALA A 26 19.12 -13.11 0.14
CA ALA A 26 19.52 -12.28 -0.99
C ALA A 26 20.47 -13.04 -1.91
N LYS A 27 21.40 -13.82 -1.35
CA LYS A 27 22.24 -14.68 -2.18
C LYS A 27 21.38 -15.67 -2.97
N GLU A 28 20.40 -16.28 -2.29
CA GLU A 28 19.49 -17.19 -2.97
C GLU A 28 18.86 -16.52 -4.19
N ILE A 29 18.19 -15.38 -3.97
CA ILE A 29 17.47 -14.72 -5.05
C ILE A 29 18.41 -14.30 -6.16
N GLU A 30 19.46 -13.55 -5.81
CA GLU A 30 20.35 -12.98 -6.82
C GLU A 30 21.13 -14.04 -7.57
N ALA A 31 21.33 -15.22 -6.99
CA ALA A 31 21.92 -16.32 -7.73
C ALA A 31 20.90 -17.06 -8.58
N GLY A 32 19.60 -16.84 -8.35
CA GLY A 32 18.55 -17.36 -9.18
C GLY A 32 17.65 -18.39 -8.51
N ARG A 33 18.07 -18.95 -7.37
CA ARG A 33 17.35 -20.07 -6.81
C ARG A 33 15.98 -19.68 -6.26
N LYS A 34 15.81 -18.42 -5.85
CA LYS A 34 14.55 -17.94 -5.29
C LYS A 34 14.04 -16.74 -6.07
N GLN A 35 12.72 -16.57 -6.07
CA GLN A 35 12.10 -15.47 -6.80
C GLN A 35 12.11 -14.21 -5.94
N SER A 36 12.45 -13.08 -6.57
CA SER A 36 12.46 -11.81 -5.87
C SER A 36 11.03 -11.41 -5.48
N PHE A 37 10.94 -10.46 -4.55
CA PHE A 37 9.63 -10.03 -4.08
C PHE A 37 8.89 -9.23 -5.15
N LEU A 38 9.58 -8.33 -5.84
CA LEU A 38 8.94 -7.54 -6.88
C LEU A 38 8.43 -8.44 -8.00
N SER A 39 9.28 -9.36 -8.47
CA SER A 39 8.83 -10.33 -9.48
C SER A 39 7.56 -11.05 -9.03
N PHE A 40 7.50 -11.44 -7.76
CA PHE A 40 6.32 -12.12 -7.25
C PHE A 40 5.09 -11.21 -7.32
N LEU A 41 5.22 -9.97 -6.81
CA LEU A 41 4.11 -9.03 -6.90
C LEU A 41 3.62 -8.89 -8.34
N GLU A 42 4.55 -8.89 -9.30
CA GLU A 42 4.17 -8.79 -10.70
C GLU A 42 3.38 -10.02 -11.13
N GLU A 43 3.87 -11.22 -10.80
CA GLU A 43 3.16 -12.42 -11.21
C GLU A 43 1.79 -12.52 -10.55
N ARG A 44 1.53 -11.73 -9.52
CA ARG A 44 0.19 -11.64 -8.93
C ARG A 44 -0.64 -10.51 -9.54
N GLY A 45 -0.07 -9.73 -10.46
CA GLY A 45 -0.82 -8.67 -11.10
C GLY A 45 -1.12 -7.48 -10.21
N LEU A 46 -0.45 -7.36 -9.08
CA LEU A 46 -0.64 -6.22 -8.19
C LEU A 46 0.21 -5.01 -8.59
N VAL A 47 1.07 -5.13 -9.59
CA VAL A 47 1.98 -4.08 -9.98
C VAL A 47 1.47 -3.50 -11.29
N ASN A 48 0.78 -2.36 -11.22
CA ASN A 48 0.43 -1.65 -12.44
C ASN A 48 1.65 -0.93 -13.03
N SER A 49 2.49 -0.35 -12.18
CA SER A 49 3.74 0.23 -12.67
C SER A 49 4.64 0.54 -11.48
N VAL A 50 5.91 0.78 -11.78
CA VAL A 50 6.91 1.16 -10.79
C VAL A 50 7.25 2.63 -10.99
N VAL A 51 7.29 3.38 -9.90
CA VAL A 51 7.79 4.75 -9.92
C VAL A 51 9.26 4.68 -9.54
N GLY A 52 10.13 4.98 -10.49
CA GLY A 52 11.55 4.73 -10.40
C GLY A 52 11.98 3.62 -11.33
N GLN A 53 13.28 3.35 -11.32
CA GLN A 53 13.81 2.25 -12.13
C GLN A 53 13.38 0.91 -11.53
N ARG A 54 12.71 0.10 -12.33
CA ARG A 54 12.13 -1.14 -11.83
C ARG A 54 13.21 -2.08 -11.28
N ASP A 55 14.24 -2.36 -12.08
CA ASP A 55 15.29 -3.25 -11.64
C ASP A 55 16.03 -2.70 -10.42
N ALA A 56 16.14 -1.37 -10.31
CA ALA A 56 16.73 -0.78 -9.13
C ALA A 56 15.90 -1.09 -7.88
N LEU A 57 14.57 -1.07 -8.01
CA LEU A 57 13.71 -1.38 -6.87
C LEU A 57 13.79 -2.86 -6.51
N ASP A 58 13.73 -3.74 -7.52
CA ASP A 58 13.96 -5.16 -7.27
C ASP A 58 15.27 -5.37 -6.51
N LYS A 59 16.32 -4.68 -6.94
CA LYS A 59 17.61 -4.74 -6.26
C LYS A 59 17.49 -4.29 -4.81
N LEU A 60 16.83 -3.16 -4.59
CA LEU A 60 16.67 -2.64 -3.23
C LEU A 60 16.00 -3.68 -2.33
N ILE A 61 14.82 -4.15 -2.73
CA ILE A 61 14.07 -5.08 -1.89
C ILE A 61 14.87 -6.35 -1.66
N THR A 62 15.55 -6.84 -2.69
CA THR A 62 16.33 -8.07 -2.54
C THR A 62 17.48 -7.88 -1.56
N ARG A 63 18.14 -6.73 -1.60
CA ARG A 63 19.34 -6.49 -0.79
C ARG A 63 19.04 -5.89 0.58
N LYS A 64 17.82 -5.42 0.83
CA LYS A 64 17.58 -4.59 2.00
C LYS A 64 16.17 -4.84 2.53
N ARG A 65 16.06 -5.03 3.84
CA ARG A 65 14.77 -5.23 4.51
C ARG A 65 14.11 -3.86 4.69
N VAL A 66 13.53 -3.35 3.61
CA VAL A 66 13.00 -2.00 3.57
C VAL A 66 11.54 -1.99 4.03
N GLY A 67 10.93 -0.81 4.05
CA GLY A 67 9.56 -0.66 4.50
C GLY A 67 8.66 -0.11 3.40
N PHE A 68 7.39 -0.47 3.46
CA PHE A 68 6.38 -0.03 2.52
C PHE A 68 5.28 0.69 3.28
N TYR A 69 4.58 1.60 2.59
CA TYR A 69 3.44 2.26 3.22
C TYR A 69 2.44 2.69 2.16
N ALA A 70 1.16 2.66 2.54
CA ALA A 70 0.07 3.15 1.72
C ALA A 70 -0.83 4.02 2.57
N GLY A 71 -1.40 5.05 1.96
CA GLY A 71 -2.20 6.03 2.67
C GLY A 71 -3.62 6.07 2.14
N VAL A 72 -4.57 6.20 3.05
CA VAL A 72 -5.99 6.36 2.70
C VAL A 72 -6.50 7.62 3.38
N ASP A 73 -7.17 8.46 2.60
CA ASP A 73 -7.81 9.65 3.16
C ASP A 73 -9.20 9.29 3.66
N PRO A 74 -9.51 9.45 4.95
CA PRO A 74 -10.85 9.10 5.44
C PRO A 74 -11.93 10.03 4.89
N THR A 75 -12.19 9.93 3.59
CA THR A 75 -13.31 10.65 2.97
C THR A 75 -14.44 9.70 2.62
N ALA A 76 -14.53 8.58 3.35
CA ALA A 76 -15.59 7.61 3.21
C ALA A 76 -15.84 7.08 4.61
N PRO A 77 -17.08 6.76 4.97
CA PRO A 77 -17.34 6.23 6.31
C PRO A 77 -16.71 4.86 6.53
N SER A 78 -16.39 4.15 5.45
CA SER A 78 -15.76 2.84 5.56
C SER A 78 -14.88 2.64 4.33
N LEU A 79 -13.96 1.68 4.45
CA LEU A 79 -13.20 1.24 3.29
C LEU A 79 -14.09 0.42 2.36
N HIS A 80 -13.67 0.36 1.10
CA HIS A 80 -14.29 -0.50 0.10
C HIS A 80 -13.20 -1.33 -0.55
N ILE A 81 -13.62 -2.31 -1.36
CA ILE A 81 -12.65 -3.21 -1.97
C ILE A 81 -11.64 -2.44 -2.81
N GLY A 82 -12.01 -1.24 -3.29
CA GLY A 82 -11.10 -0.47 -4.12
C GLY A 82 -9.77 -0.20 -3.44
N HIS A 83 -9.79 0.08 -2.14
CA HIS A 83 -8.56 0.37 -1.41
C HIS A 83 -7.66 -0.86 -1.23
N MSE A 84 -8.13 -2.05 -1.57
CA MSE A 84 -7.50 -3.26 -1.06
C MSE A 84 -6.19 -3.65 -1.74
O MSE A 84 -5.33 -4.23 -1.11
CB MSE A 84 -8.48 -4.43 -1.15
CG MSE A 84 -9.52 -4.44 -0.04
SE MSE A 84 -8.72 -4.44 1.75
CE MSE A 84 -7.41 -5.85 1.47
H MSE A 84 -8.81 -2.19 -2.08
HA MSE A 84 -7.31 -3.12 -0.12
HB2 MSE A 84 -8.96 -4.39 -2.00
HB3 MSE A 84 -7.98 -5.26 -1.10
HG2 MSE A 84 -10.08 -3.63 -0.12
HG3 MSE A 84 -10.08 -5.23 -0.12
HE1 MSE A 84 -6.91 -5.98 2.29
HE2 MSE A 84 -7.87 -6.67 1.23
HE3 MSE A 84 -6.81 -5.58 0.76
N LEU A 85 -6.03 -3.29 -3.02
CA LEU A 85 -4.85 -3.75 -3.74
C LEU A 85 -3.56 -3.22 -3.14
N PRO A 86 -3.39 -1.91 -2.88
CA PRO A 86 -2.19 -1.49 -2.15
C PRO A 86 -2.01 -2.28 -0.87
N PHE A 87 -3.08 -2.43 -0.10
CA PHE A 87 -2.97 -3.16 1.16
C PHE A 87 -2.58 -4.61 0.94
N MSE A 88 -3.14 -5.24 -0.09
CA MSE A 88 -2.70 -6.58 -0.46
C MSE A 88 -1.18 -6.57 -0.53
O MSE A 88 -0.52 -7.37 0.14
CB MSE A 88 -3.30 -7.02 -1.79
CG MSE A 88 -4.79 -7.29 -1.78
SE MSE A 88 -5.37 -8.55 -0.40
CE MSE A 88 -4.07 -9.97 -0.72
H MSE A 88 -3.77 -4.92 -0.58
HA MSE A 88 -2.99 -7.21 0.22
HB2 MSE A 88 -3.13 -6.33 -2.46
HB3 MSE A 88 -2.86 -7.84 -2.08
HG2 MSE A 88 -5.26 -6.45 -1.62
HG3 MSE A 88 -5.06 -7.66 -2.64
HE1 MSE A 88 -4.23 -10.69 -0.10
HE2 MSE A 88 -4.18 -10.29 -1.63
HE3 MSE A 88 -3.18 -9.62 -0.60
N ILE A 89 -0.62 -5.64 -1.31
CA ILE A 89 0.83 -5.53 -1.40
C ILE A 89 1.42 -5.45 0.01
N LEU A 90 0.97 -4.48 0.80
CA LEU A 90 1.44 -4.38 2.18
C LEU A 90 1.36 -5.73 2.87
N GLY A 91 0.18 -6.37 2.81
CA GLY A 91 0.00 -7.67 3.38
C GLY A 91 1.14 -8.59 2.98
N TRP A 92 1.31 -8.78 1.67
CA TRP A 92 2.41 -9.60 1.19
C TRP A 92 3.71 -9.14 1.82
N ALA A 93 4.04 -7.85 1.64
CA ALA A 93 5.26 -7.31 2.23
C ALA A 93 5.40 -7.75 3.68
N TYR A 94 4.35 -7.55 4.47
CA TYR A 94 4.43 -7.90 5.89
C TYR A 94 4.82 -9.36 6.08
N VAL A 95 4.15 -10.26 5.38
CA VAL A 95 4.31 -11.69 5.66
C VAL A 95 5.61 -12.15 5.04
N HIS A 96 6.31 -11.25 4.35
CA HIS A 96 7.62 -11.58 3.81
C HIS A 96 8.76 -10.97 4.63
N GLY A 97 8.45 -10.47 5.84
CA GLY A 97 9.47 -9.91 6.70
C GLY A 97 9.78 -8.45 6.45
N LEU A 98 9.18 -7.84 5.44
CA LEU A 98 9.36 -6.43 5.17
C LEU A 98 8.37 -5.62 6.01
N LYS A 99 8.75 -4.39 6.32
CA LYS A 99 7.92 -3.53 7.16
C LYS A 99 6.72 -3.00 6.37
N ALA A 100 5.56 -3.03 7.00
CA ALA A 100 4.31 -2.56 6.39
C ALA A 100 3.70 -1.48 7.28
N VAL A 101 3.42 -0.33 6.68
CA VAL A 101 2.86 0.82 7.39
C VAL A 101 1.55 1.20 6.71
N PHE A 102 0.45 1.06 7.43
CA PHE A 102 -0.84 1.57 6.97
C PHE A 102 -1.02 2.97 7.54
N LEU A 103 -1.25 3.95 6.67
CA LEU A 103 -1.33 5.35 7.06
C LEU A 103 -2.73 5.89 6.79
N ILE A 104 -3.33 6.51 7.81
CA ILE A 104 -4.60 7.21 7.69
C ILE A 104 -4.30 8.69 7.50
N GLY A 105 -4.97 9.32 6.53
CA GLY A 105 -4.74 10.72 6.24
C GLY A 105 -5.58 11.65 7.09
N GLY A 106 -5.30 11.69 8.39
CA GLY A 106 -6.11 12.50 9.29
C GLY A 106 -6.13 13.97 8.90
N SER A 107 -4.98 14.53 8.55
CA SER A 107 -4.88 15.94 8.20
C SER A 107 -5.10 16.18 6.71
N THR A 108 -4.51 15.34 5.86
CA THR A 108 -4.68 15.49 4.42
C THR A 108 -6.16 15.43 4.02
N ALA A 109 -6.97 14.66 4.74
CA ALA A 109 -8.37 14.53 4.39
C ALA A 109 -9.16 15.81 4.66
N LYS A 110 -8.71 16.64 5.59
CA LYS A 110 -9.36 17.91 5.81
C LYS A 110 -9.24 18.83 4.61
N ILE A 111 -8.29 18.58 3.71
CA ILE A 111 -8.12 19.36 2.50
C ILE A 111 -8.67 18.62 1.28
N GLY A 112 -8.50 17.31 1.23
CA GLY A 112 -8.96 16.52 0.10
C GLY A 112 -7.94 16.48 -1.01
N ASP A 113 -7.62 15.28 -1.48
CA ASP A 113 -6.66 15.13 -2.55
C ASP A 113 -7.24 15.67 -3.85
N PRO A 114 -6.64 16.71 -4.46
CA PRO A 114 -7.23 17.27 -5.69
C PRO A 114 -7.06 16.41 -6.93
N THR A 115 -6.46 15.23 -6.84
CA THR A 115 -6.43 14.31 -7.97
C THR A 115 -7.58 13.31 -7.82
N GLY A 116 -8.36 13.04 -8.86
CA GLY A 116 -8.27 13.65 -10.18
C GLY A 116 -9.39 14.65 -10.42
N ARG A 117 -9.87 15.25 -9.33
CA ARG A 117 -10.98 16.21 -9.41
C ARG A 117 -10.68 17.31 -10.40
N MSE A 124 -16.82 18.05 3.11
N MSE A 124 -18.15 18.40 2.80
CA MSE A 124 -17.05 17.11 4.19
CA MSE A 124 -17.59 17.65 3.93
C MSE A 124 -16.87 17.78 5.54
C MSE A 124 -17.70 18.47 5.21
O MSE A 124 -15.79 18.27 5.88
O MSE A 124 -17.54 19.68 5.19
CB MSE A 124 -16.10 15.92 4.06
CB MSE A 124 -16.14 17.27 3.66
CG MSE A 124 -16.11 14.98 5.26
CG MSE A 124 -15.16 18.44 3.78
SE MSE A 124 -15.14 13.33 4.90
SE MSE A 124 -13.35 18.02 3.19
CE MSE A 124 -16.31 12.60 3.52
CE MSE A 124 -13.69 17.84 1.28
HA MSE A 124 -17.96 16.77 4.12
HA MSE A 124 -18.10 16.84 4.03
HB2 MSE A 124 -16.35 15.40 3.28
HB2 MSE A 124 -15.87 16.60 4.29
HB3 MSE A 124 -15.19 16.25 3.96
HB3 MSE A 124 -16.07 16.93 2.75
HG2 MSE A 124 -15.69 15.42 6.01
HG2 MSE A 124 -15.48 19.18 3.24
HG3 MSE A 124 -17.03 14.76 5.47
HG3 MSE A 124 -15.12 18.71 4.71
HE1 MSE A 124 -15.96 11.75 3.23
HE1 MSE A 124 -12.86 17.62 0.83
HE2 MSE A 124 -17.20 12.48 3.90
HE2 MSE A 124 -14.34 17.13 1.13
HE3 MSE A 124 -16.35 13.22 2.78
HE3 MSE A 124 -14.04 18.68 0.93
N ASP A 125 -17.95 17.79 6.33
CA ASP A 125 -17.93 18.43 7.64
C ASP A 125 -17.09 17.62 8.61
N GLY A 126 -16.65 18.29 9.68
CA GLY A 126 -15.72 17.66 10.61
C GLY A 126 -16.35 16.52 11.38
N ALA A 127 -17.54 16.75 11.95
CA ALA A 127 -18.21 15.72 12.73
C ALA A 127 -18.21 14.39 11.99
N THR A 128 -18.62 14.41 10.72
CA THR A 128 -18.60 13.21 9.90
C THR A 128 -17.18 12.66 9.77
N ARG A 129 -16.23 13.53 9.44
CA ARG A 129 -14.88 13.10 9.13
C ARG A 129 -14.25 12.38 10.31
N ARG A 130 -14.53 12.85 11.53
CA ARG A 130 -13.98 12.19 12.72
C ARG A 130 -14.50 10.76 12.85
N ALA A 131 -15.81 10.57 12.64
CA ALA A 131 -16.36 9.22 12.63
C ALA A 131 -15.69 8.36 11.56
N ASN A 132 -15.54 8.91 10.36
CA ASN A 132 -14.84 8.17 9.30
C ASN A 132 -13.46 7.72 9.77
N ILE A 133 -12.69 8.64 10.37
CA ILE A 133 -11.37 8.30 10.88
C ILE A 133 -11.47 7.14 11.87
N ALA A 134 -12.41 7.23 12.82
CA ALA A 134 -12.52 6.19 13.82
C ALA A 134 -12.81 4.83 13.19
N ASN A 135 -13.79 4.79 12.28
CA ASN A 135 -14.20 3.50 11.71
C ASN A 135 -13.09 2.90 10.85
N ILE A 136 -12.45 3.71 10.00
CA ILE A 136 -11.39 3.18 9.16
C ILE A 136 -10.19 2.77 10.02
N HIS A 137 -9.93 3.51 11.09
CA HIS A 137 -8.87 3.13 12.02
C HIS A 137 -9.15 1.74 12.60
N LEU A 138 -10.38 1.50 13.03
CA LEU A 138 -10.75 0.17 13.48
C LEU A 138 -10.52 -0.86 12.38
N GLN A 139 -11.01 -0.58 11.17
CA GLN A 139 -10.95 -1.55 10.09
C GLN A 139 -9.51 -1.93 9.76
N LEU A 140 -8.58 -0.97 9.81
CA LEU A 140 -7.19 -1.28 9.52
C LEU A 140 -6.51 -1.95 10.70
N LYS A 141 -6.82 -1.51 11.92
CA LYS A 141 -6.28 -2.19 13.10
C LYS A 141 -6.61 -3.68 13.05
N ARG A 142 -7.85 -4.03 12.70
CA ARG A 142 -8.21 -5.43 12.59
C ARG A 142 -7.75 -6.07 11.29
N LEU A 143 -7.52 -5.28 10.24
CA LEU A 143 -7.00 -5.83 9.00
C LEU A 143 -5.54 -6.25 9.14
N GLY A 144 -4.81 -5.63 10.08
CA GLY A 144 -3.46 -6.06 10.37
C GLY A 144 -3.42 -7.45 10.97
N PHE A 145 -4.02 -7.60 12.15
CA PHE A 145 -4.13 -8.92 12.77
C PHE A 145 -4.74 -9.92 11.80
N SER A 146 -5.70 -9.46 10.99
CA SER A 146 -6.30 -10.34 9.99
C SER A 146 -5.26 -10.84 9.00
N PHE A 147 -4.38 -9.93 8.53
CA PHE A 147 -3.31 -10.36 7.65
C PHE A 147 -2.34 -11.31 8.33
N GLU A 148 -2.17 -11.17 9.65
CA GLU A 148 -1.31 -12.10 10.36
C GLU A 148 -1.93 -13.50 10.40
N LYS A 149 -3.19 -13.59 10.82
CA LYS A 149 -3.91 -14.86 10.83
C LYS A 149 -3.93 -15.49 9.45
N TYR A 150 -4.63 -14.84 8.53
CA TYR A 150 -4.73 -15.31 7.15
C TYR A 150 -3.35 -15.67 6.58
N GLY A 151 -2.32 -14.94 6.98
CA GLY A 151 -0.98 -15.23 6.47
C GLY A 151 -0.43 -16.53 7.01
N ARG A 152 -0.51 -16.73 8.32
CA ARG A 152 0.07 -17.91 8.94
C ARG A 152 -0.78 -19.15 8.68
N LYS A 153 -1.68 -19.07 7.70
CA LYS A 153 -2.52 -20.20 7.32
C LYS A 153 -2.17 -20.82 5.98
N HIS A 154 -1.53 -20.06 5.09
CA HIS A 154 -1.23 -20.54 3.74
C HIS A 154 0.07 -21.35 3.57
N GLY A 155 1.15 -21.03 4.28
CA GLY A 155 1.20 -19.96 5.25
C GLY A 155 2.61 -19.56 5.59
N PHE A 156 2.75 -18.42 6.25
CA PHE A 156 4.03 -17.79 6.51
C PHE A 156 4.32 -17.83 8.00
N GLU A 157 5.51 -18.32 8.36
CA GLU A 157 5.89 -18.47 9.76
C GLU A 157 6.17 -17.09 10.36
N TRP A 158 5.34 -16.67 11.30
CA TRP A 158 5.56 -15.41 12.00
C TRP A 158 6.94 -15.40 12.63
N GLU A 159 7.68 -14.31 12.43
CA GLU A 159 9.02 -14.16 12.95
C GLU A 159 9.11 -12.89 13.79
N TRP A 160 10.21 -12.79 14.54
CA TRP A 160 10.47 -11.59 15.32
C TRP A 160 10.76 -10.39 14.43
N ALA A 161 11.30 -10.62 13.24
CA ALA A 161 11.65 -9.53 12.32
C ALA A 161 10.44 -8.92 11.64
N TRP A 162 9.29 -9.58 11.67
CA TRP A 162 8.09 -9.02 11.06
C TRP A 162 7.73 -7.70 11.73
N ARG A 163 7.39 -6.71 10.92
CA ARG A 163 7.08 -5.37 11.40
C ARG A 163 5.77 -4.91 10.79
N ARG A 164 4.89 -4.38 11.64
CA ARG A 164 3.57 -3.92 11.23
C ARG A 164 3.29 -2.62 11.97
N ALA A 165 2.63 -1.69 11.28
CA ALA A 165 2.37 -0.40 11.92
C ALA A 165 1.12 0.24 11.35
N LEU A 166 0.36 0.90 12.22
CA LEU A 166 -0.79 1.72 11.84
C LEU A 166 -0.53 3.13 12.35
N GLU A 167 -0.50 4.10 11.44
CA GLU A 167 -0.18 5.47 11.75
C GLU A 167 -1.27 6.40 11.23
N ASN A 168 -1.35 7.58 11.83
CA ASN A 168 -2.20 8.66 11.36
C ASN A 168 -1.32 9.89 11.19
N ASN A 169 -1.32 10.48 9.99
CA ASN A 169 -0.31 11.48 9.70
C ASN A 169 -0.43 12.71 10.58
N ASN A 170 -1.62 13.01 11.11
CA ASN A 170 -1.69 14.13 12.02
C ASN A 170 -0.98 13.86 13.34
N THR A 171 -0.45 12.65 13.54
CA THR A 171 0.51 12.45 14.61
C THR A 171 1.65 13.45 14.53
N TRP A 172 2.02 13.87 13.32
CA TRP A 172 3.07 14.86 13.14
C TRP A 172 2.58 16.18 12.58
N TRP A 173 1.42 16.22 11.91
CA TRP A 173 0.90 17.50 11.42
C TRP A 173 0.29 18.33 12.54
N ASN A 174 -0.07 17.71 13.66
CA ASN A 174 -0.53 18.48 14.82
C ASN A 174 0.50 19.48 15.29
N LYS A 175 1.79 19.25 14.99
CA LYS A 175 2.86 20.10 15.50
C LYS A 175 3.92 20.46 14.46
N GLN A 176 3.91 19.85 13.28
CA GLN A 176 4.96 20.12 12.30
C GLN A 176 4.99 21.61 11.96
N SER A 177 6.16 22.23 12.16
CA SER A 177 6.29 23.65 11.87
C SER A 177 6.24 23.89 10.37
N LEU A 178 5.58 24.98 9.98
CA LEU A 178 5.68 25.45 8.60
C LEU A 178 7.12 25.80 8.26
N LYS A 179 7.83 26.39 9.22
CA LYS A 179 9.22 26.80 8.98
C LYS A 179 10.06 25.63 8.48
N GLU A 180 10.07 24.52 9.21
CA GLU A 180 10.91 23.40 8.82
C GLU A 180 10.55 22.90 7.42
N VAL A 181 9.26 22.83 7.12
CA VAL A 181 8.83 22.34 5.80
C VAL A 181 9.35 23.26 4.71
N MSE A 182 9.18 24.56 4.90
CA MSE A 182 9.61 25.53 3.89
C MSE A 182 11.12 25.50 3.69
O MSE A 182 11.60 25.47 2.55
CB MSE A 182 9.18 26.94 4.30
CG MSE A 182 7.68 27.22 4.16
SE MSE A 182 7.04 26.99 2.34
CE MSE A 182 6.46 25.14 2.43
H MSE A 182 8.81 24.91 5.59
HA MSE A 182 9.17 25.33 3.05
HB2 MSE A 182 9.43 27.08 5.22
HB3 MSE A 182 9.64 27.59 3.73
HG2 MSE A 182 7.20 26.59 4.73
HG3 MSE A 182 7.51 28.13 4.45
HE1 MSE A 182 6.10 24.87 1.57
HE2 MSE A 182 7.22 24.58 2.65
HE3 MSE A 182 5.78 25.04 3.11
N GLU A 183 11.87 25.49 4.79
CA GLU A 183 13.33 25.51 4.69
C GLU A 183 13.85 24.22 4.06
N VAL A 184 13.46 23.07 4.62
CA VAL A 184 14.00 21.79 4.19
C VAL A 184 13.50 21.44 2.79
N LEU A 185 12.19 21.56 2.57
CA LEU A 185 11.56 21.13 1.32
C LEU A 185 11.12 22.27 0.42
N GLY A 186 10.54 23.32 0.98
CA GLY A 186 10.04 24.42 0.15
C GLY A 186 11.12 25.01 -0.75
N THR A 187 12.34 25.13 -0.24
CA THR A 187 13.43 25.72 -1.02
C THR A 187 13.88 24.83 -2.17
N SER A 188 13.59 23.52 -2.11
CA SER A 188 13.96 22.60 -3.18
C SER A 188 12.90 22.53 -4.27
N LEU A 189 11.62 22.53 -3.89
CA LEU A 189 10.55 22.47 -4.86
C LEU A 189 10.57 23.70 -5.75
N ARG A 190 10.31 23.50 -7.05
CA ARG A 190 10.22 24.58 -8.00
C ARG A 190 8.75 24.77 -8.42
N LEU A 191 8.35 26.03 -8.58
CA LEU A 191 6.94 26.33 -8.81
C LEU A 191 6.49 25.84 -10.18
N GLY A 192 7.24 26.16 -11.23
CA GLY A 192 6.87 25.83 -12.59
C GLY A 192 6.43 24.39 -12.74
N PRO A 193 7.31 23.45 -12.40
CA PRO A 193 6.94 22.02 -12.48
C PRO A 193 5.61 21.70 -11.82
N MSE A 194 5.36 22.22 -10.63
CA MSE A 194 4.11 21.97 -9.94
C MSE A 194 2.92 22.54 -10.68
O MSE A 194 1.87 21.89 -10.81
CB MSE A 194 4.15 22.53 -8.52
CG MSE A 194 5.05 21.75 -7.60
SE MSE A 194 4.76 22.26 -5.75
CE MSE A 194 3.07 21.34 -5.43
H MSE A 194 5.90 22.74 -10.20
HA MSE A 194 3.98 21.00 -9.86
HB2 MSE A 194 4.49 23.44 -8.56
HB3 MSE A 194 3.26 22.52 -8.15
HG2 MSE A 194 4.86 20.80 -7.69
HG3 MSE A 194 5.98 21.93 -7.82
HE1 MSE A 194 2.79 21.50 -4.52
HE2 MSE A 194 2.40 21.67 -6.05
HE3 MSE A 194 3.20 20.39 -5.56
N LEU A 195 3.06 23.78 -11.18
CA LEU A 195 2.03 24.36 -12.03
C LEU A 195 1.85 23.56 -13.31
N GLY A 196 2.77 22.66 -13.65
CA GLY A 196 2.59 21.77 -14.78
C GLY A 196 1.73 20.56 -14.50
N ARG A 197 1.44 20.28 -13.24
CA ARG A 197 0.61 19.12 -12.89
C ARG A 197 -0.73 19.17 -13.62
N ASP A 198 -1.27 17.99 -13.92
CA ASP A 198 -2.44 17.89 -14.78
C ASP A 198 -3.62 18.64 -14.19
N TYR A 199 -4.03 18.30 -12.96
CA TYR A 199 -5.24 18.91 -12.41
C TYR A 199 -5.07 20.40 -12.11
N VAL A 200 -3.82 20.87 -11.99
CA VAL A 200 -3.59 22.31 -11.81
C VAL A 200 -3.88 23.05 -13.12
N LYS A 201 -3.31 22.55 -14.22
CA LYS A 201 -3.65 23.09 -15.53
C LYS A 201 -5.16 23.05 -15.77
N SER A 202 -5.78 21.90 -15.46
CA SER A 202 -7.21 21.74 -15.70
C SER A 202 -8.02 22.75 -14.90
N ARG A 203 -7.80 22.82 -13.59
CA ARG A 203 -8.62 23.67 -12.73
C ARG A 203 -8.30 25.15 -12.88
N LEU A 204 -7.11 25.50 -13.36
CA LEU A 204 -6.82 26.89 -13.67
C LEU A 204 -7.43 27.31 -15.00
N ALA A 205 -7.46 26.39 -15.97
CA ALA A 205 -8.04 26.71 -17.28
C ALA A 205 -9.55 26.88 -17.18
N SER A 206 -10.20 26.08 -16.34
CA SER A 206 -11.66 26.09 -16.25
C SER A 206 -12.21 27.33 -15.57
N GLY A 207 -11.36 28.12 -14.89
CA GLY A 207 -11.84 29.19 -14.05
C GLY A 207 -12.33 28.75 -12.69
N GLU A 208 -12.41 27.45 -12.44
CA GLU A 208 -12.79 26.96 -11.10
C GLU A 208 -11.70 27.28 -10.08
N GLY A 209 -10.45 27.02 -10.45
CA GLY A 209 -9.33 27.37 -9.60
C GLY A 209 -9.16 26.44 -8.42
N MSE A 210 -8.28 26.87 -7.52
CA MSE A 210 -8.00 26.12 -6.30
C MSE A 210 -7.77 27.05 -5.14
O MSE A 210 -7.62 28.26 -5.30
CB MSE A 210 -6.76 25.24 -6.45
CG MSE A 210 -6.58 24.58 -7.79
SE MSE A 210 -4.81 23.79 -7.85
CE MSE A 210 -4.95 22.59 -6.33
H MSE A 210 -7.81 27.59 -7.60
HA MSE A 210 -8.75 25.55 -6.11
HB2 MSE A 210 -5.97 25.79 -6.30
HB3 MSE A 210 -6.80 24.55 -5.79
HG2 MSE A 210 -7.24 23.87 -7.90
HG3 MSE A 210 -6.66 25.22 -8.50
HE1 MSE A 210 -4.11 22.11 -6.23
HE2 MSE A 210 -5.13 23.10 -5.54
HE3 MSE A 210 -5.67 21.96 -6.48
N SER A 211 -7.72 26.47 -3.95
CA SER A 211 -7.13 27.12 -2.81
C SER A 211 -5.65 26.79 -2.73
N ILE A 212 -4.92 27.60 -1.96
CA ILE A 212 -3.52 27.28 -1.69
C ILE A 212 -3.41 25.97 -0.93
N ALA A 213 -4.37 25.70 -0.03
CA ALA A 213 -4.37 24.42 0.67
C ALA A 213 -4.42 23.26 -0.30
N GLU A 214 -5.34 23.32 -1.28
CA GLU A 214 -5.42 22.28 -2.29
C GLU A 214 -4.10 22.16 -3.07
N PHE A 215 -3.53 23.30 -3.45
CA PHE A 215 -2.30 23.30 -4.23
C PHE A 215 -1.15 22.66 -3.46
N CYS A 216 -1.15 22.79 -2.14
CA CYS A 216 -0.08 22.26 -1.30
C CYS A 216 -0.32 20.84 -0.83
N TYR A 217 -1.42 20.21 -1.26
CA TYR A 217 -1.67 18.83 -0.86
C TYR A 217 -0.52 17.90 -1.21
N PRO A 218 -0.04 17.84 -2.46
CA PRO A 218 1.08 16.93 -2.76
C PRO A 218 2.32 17.23 -1.95
N ILE A 219 2.48 18.47 -1.48
CA ILE A 219 3.61 18.76 -0.59
C ILE A 219 3.41 18.03 0.74
N MSE A 220 2.21 18.13 1.31
CA MSE A 220 1.95 17.47 2.58
C MSE A 220 2.17 15.97 2.45
O MSE A 220 2.78 15.34 3.30
CB MSE A 220 0.53 17.75 3.06
CG MSE A 220 0.28 19.21 3.39
SE MSE A 220 -1.48 19.45 4.20
CE MSE A 220 -1.03 19.03 6.04
H MSE A 220 1.54 18.57 0.99
HA MSE A 220 2.57 17.81 3.25
HB2 MSE A 220 -0.09 17.48 2.37
HB3 MSE A 220 0.38 17.23 3.87
HG2 MSE A 220 0.95 19.52 4.03
HG3 MSE A 220 0.31 19.73 2.58
HE1 MSE A 220 -1.83 19.10 6.59
HE2 MSE A 220 -0.69 18.12 6.09
HE3 MSE A 220 -0.36 19.65 6.36
N GLN A 221 1.66 15.39 1.34
CA GLN A 221 1.82 13.96 1.15
C GLN A 221 3.30 13.60 0.96
N GLY A 222 4.03 14.41 0.19
CA GLY A 222 5.46 14.19 0.07
C GLY A 222 6.17 14.28 1.40
N TRP A 223 5.68 15.12 2.30
CA TRP A 223 6.30 15.24 3.62
C TRP A 223 5.96 14.07 4.51
N ASP A 224 4.76 13.50 4.36
CA ASP A 224 4.50 12.20 4.98
C ASP A 224 5.52 11.17 4.51
N PHE A 225 5.75 11.13 3.19
CA PHE A 225 6.74 10.20 2.64
C PHE A 225 8.12 10.45 3.22
N TRP A 226 8.51 11.71 3.38
CA TRP A 226 9.83 12.03 3.93
C TRP A 226 9.91 11.61 5.39
N TYR A 227 8.86 11.93 6.16
CA TYR A 227 8.81 11.55 7.57
C TYR A 227 9.01 10.05 7.73
N LEU A 228 8.26 9.24 6.95
CA LEU A 228 8.43 7.80 7.03
C LEU A 228 9.75 7.35 6.42
N PHE A 229 10.31 8.13 5.50
CA PHE A 229 11.59 7.81 4.90
C PHE A 229 12.71 7.84 5.94
N GLN A 230 12.71 8.87 6.79
CA GLN A 230 13.68 8.90 7.88
C GLN A 230 13.54 7.70 8.80
N ARG A 231 12.41 6.99 8.75
CA ARG A 231 12.13 5.88 9.65
C ARG A 231 12.06 4.55 8.89
N LYS A 232 12.95 4.37 7.92
CA LYS A 232 13.23 3.10 7.26
C LYS A 232 12.19 2.70 6.22
N VAL A 233 11.25 3.57 5.86
CA VAL A 233 10.25 3.28 4.84
C VAL A 233 10.69 3.91 3.53
N GLN A 234 10.95 3.09 2.52
CA GLN A 234 11.52 3.58 1.28
C GLN A 234 10.62 3.40 0.06
N VAL A 235 9.52 2.66 0.17
CA VAL A 235 8.62 2.41 -0.96
C VAL A 235 7.24 2.91 -0.59
N GLN A 236 6.65 3.73 -1.45
CA GLN A 236 5.26 4.14 -1.28
C GLN A 236 4.39 3.40 -2.29
N VAL A 237 3.30 2.81 -1.81
CA VAL A 237 2.38 2.03 -2.64
C VAL A 237 1.07 2.79 -2.72
N GLY A 238 0.46 2.80 -3.90
CA GLY A 238 -0.83 3.44 -4.05
C GLY A 238 -1.56 2.92 -5.28
N GLY A 239 -2.79 3.41 -5.44
CA GLY A 239 -3.53 3.16 -6.65
C GLY A 239 -2.89 3.84 -7.85
N SER A 240 -3.33 3.43 -9.04
CA SER A 240 -2.80 4.02 -10.26
C SER A 240 -2.94 5.54 -10.24
N ASP A 241 -4.11 6.03 -9.82
CA ASP A 241 -4.35 7.48 -9.79
C ASP A 241 -3.29 8.22 -8.98
N GLN A 242 -2.67 7.55 -8.01
CA GLN A 242 -1.72 8.20 -7.13
C GLN A 242 -0.33 8.31 -7.72
N TYR A 243 -0.11 7.81 -8.94
CA TYR A 243 1.21 7.86 -9.55
C TYR A 243 1.84 9.25 -9.40
N GLY A 244 1.13 10.27 -9.86
CA GLY A 244 1.68 11.63 -9.79
C GLY A 244 2.10 12.02 -8.39
N ASN A 245 1.29 11.68 -7.39
CA ASN A 245 1.63 12.02 -6.01
C ASN A 245 2.86 11.25 -5.53
N ILE A 246 3.04 10.03 -6.01
CA ILE A 246 4.17 9.22 -5.57
C ILE A 246 5.46 9.73 -6.19
N LEU A 247 5.46 9.90 -7.51
CA LEU A 247 6.62 10.48 -8.17
C LEU A 247 7.02 11.78 -7.49
N PHE A 248 6.06 12.70 -7.35
CA PHE A 248 6.32 13.96 -6.65
C PHE A 248 6.99 13.72 -5.30
N GLY A 249 6.51 12.72 -4.56
CA GLY A 249 7.16 12.40 -3.30
C GLY A 249 8.62 12.06 -3.47
N MSE A 250 8.91 11.13 -4.38
CA MSE A 250 10.28 10.69 -4.60
C MSE A 250 11.15 11.87 -4.95
O MSE A 250 12.12 12.17 -4.24
CB MSE A 250 10.33 9.65 -5.72
CG MSE A 250 9.56 8.38 -5.40
SE MSE A 250 9.38 7.24 -6.95
CE MSE A 250 11.18 7.44 -7.68
H MSE A 250 8.33 10.74 -4.87
HA MSE A 250 10.61 10.27 -3.79
HB2 MSE A 250 9.95 10.03 -6.52
HB3 MSE A 250 11.26 9.40 -5.87
HG2 MSE A 250 10.03 7.89 -4.71
HG3 MSE A 250 8.67 8.62 -5.09
HE1 MSE A 250 11.25 6.91 -8.49
HE2 MSE A 250 11.34 8.37 -7.87
HE3 MSE A 250 11.82 7.13 -7.02
N ASP A 251 10.79 12.57 -6.03
CA ASP A 251 11.55 13.75 -6.42
C ASP A 251 11.72 14.71 -5.27
N ALA A 252 10.73 14.81 -4.38
CA ALA A 252 10.87 15.67 -3.22
C ALA A 252 12.00 15.19 -2.32
N ILE A 253 11.92 13.92 -1.89
CA ILE A 253 12.94 13.37 -1.01
C ILE A 253 14.33 13.51 -1.63
N LYS A 254 14.46 13.05 -2.88
CA LYS A 254 15.72 13.22 -3.58
C LYS A 254 16.19 14.67 -3.52
N GLY A 255 15.29 15.61 -3.80
CA GLY A 255 15.66 17.01 -3.74
C GLY A 255 16.24 17.39 -2.39
N ILE A 256 15.67 16.85 -1.31
CA ILE A 256 16.20 17.09 0.03
C ILE A 256 17.62 16.54 0.14
N LEU A 257 17.82 15.29 -0.28
CA LEU A 257 19.13 14.67 -0.15
C LEU A 257 20.15 15.37 -1.06
N LYS A 258 19.75 15.70 -2.28
CA LYS A 258 20.65 16.35 -3.22
C LYS A 258 21.08 17.73 -2.77
N ALA A 259 20.38 18.32 -1.79
CA ALA A 259 20.73 19.63 -1.26
C ALA A 259 21.31 19.59 0.14
N ASN A 260 21.10 18.50 0.88
CA ASN A 260 21.77 18.25 2.15
C ASN A 260 22.61 16.97 2.01
N PRO A 261 23.60 16.98 1.12
CA PRO A 261 24.40 15.77 0.90
C PRO A 261 25.12 15.28 2.14
N GLU A 262 25.29 16.11 3.15
CA GLU A 262 25.83 15.65 4.43
C GLU A 262 24.76 14.98 5.29
N SER A 263 23.55 14.83 4.78
CA SER A 263 22.43 14.37 5.58
C SER A 263 22.64 12.93 6.05
N GLU A 264 22.08 12.62 7.21
CA GLU A 264 22.14 11.26 7.76
C GLU A 264 21.55 10.24 6.80
N TRP A 265 20.78 10.68 5.80
CA TRP A 265 20.12 9.76 4.86
C TRP A 265 20.58 9.95 3.42
N ALA A 266 21.61 10.76 3.19
CA ALA A 266 22.10 10.94 1.83
C ALA A 266 23.17 9.90 1.50
N PRO A 267 23.18 9.37 0.27
CA PRO A 267 24.17 8.33 -0.07
C PRO A 267 25.55 8.90 -0.31
N LYS A 268 26.36 9.01 0.76
CA LYS A 268 27.73 9.48 0.62
C LYS A 268 28.59 8.38 0.03
N LYS A 269 29.33 8.71 -1.02
CA LYS A 269 30.19 7.73 -1.70
C LYS A 269 31.16 7.10 -0.69
N ASP A 270 31.56 5.84 -0.88
CA ASP A 270 31.15 4.99 -1.99
C ASP A 270 29.99 4.08 -1.58
N GLU A 271 28.78 4.64 -1.55
CA GLU A 271 27.56 3.90 -1.27
C GLU A 271 26.69 3.86 -2.52
N ASP A 272 25.97 2.77 -2.69
CA ASP A 272 25.14 2.60 -3.87
C ASP A 272 23.88 3.47 -3.75
N PRO A 273 23.69 4.48 -4.61
CA PRO A 273 22.52 5.33 -4.47
C PRO A 273 21.20 4.58 -4.57
N ASP A 274 21.14 3.54 -5.40
CA ASP A 274 19.91 2.78 -5.55
C ASP A 274 19.42 2.20 -4.23
N LEU A 275 20.31 2.02 -3.26
CA LEU A 275 19.93 1.49 -1.96
C LEU A 275 19.49 2.58 -0.98
N ALA A 276 19.66 3.85 -1.33
CA ALA A 276 19.30 4.96 -0.47
C ALA A 276 18.11 5.76 -0.97
N ASN A 277 17.61 5.47 -2.17
CA ASN A 277 16.61 6.32 -2.81
C ASN A 277 15.20 5.83 -2.53
N PRO A 278 14.21 6.70 -2.71
CA PRO A 278 12.82 6.28 -2.58
C PRO A 278 12.26 5.73 -3.88
N TYR A 279 11.28 4.83 -3.74
CA TYR A 279 10.65 4.19 -4.88
C TYR A 279 9.14 4.13 -4.66
N GLY A 280 8.41 3.83 -5.73
CA GLY A 280 6.98 3.74 -5.67
C GLY A 280 6.46 2.53 -6.42
N ILE A 281 5.26 2.09 -6.03
CA ILE A 281 4.54 1.04 -6.72
C ILE A 281 3.09 1.46 -6.85
N THR A 282 2.53 1.31 -8.05
CA THR A 282 1.13 1.61 -8.32
C THR A 282 0.44 0.33 -8.77
N THR A 283 -0.71 0.05 -8.17
CA THR A 283 -1.54 -1.12 -8.45
C THR A 283 -2.53 -0.82 -9.56
N PRO A 284 -3.11 -1.85 -10.16
CA PRO A 284 -4.18 -1.63 -11.14
C PRO A 284 -5.38 -0.91 -10.54
N LEU A 285 -6.41 -0.67 -11.36
CA LEU A 285 -7.64 -0.03 -10.92
C LEU A 285 -8.80 -0.98 -11.17
N LEU A 286 -9.63 -1.16 -10.15
CA LEU A 286 -10.78 -2.05 -10.24
C LEU A 286 -11.98 -1.30 -10.80
N THR A 287 -12.79 -2.00 -11.57
CA THR A 287 -13.96 -1.41 -12.20
C THR A 287 -15.12 -2.38 -12.13
N THR A 288 -16.34 -1.83 -12.04
CA THR A 288 -17.56 -2.62 -12.07
C THR A 288 -18.08 -2.76 -13.49
N ALA A 289 -17.21 -3.20 -14.40
CA ALA A 289 -17.48 -3.31 -15.83
C ALA A 289 -17.78 -1.96 -16.48
N SER A 290 -17.56 -0.85 -15.76
CA SER A 290 -17.81 0.49 -16.28
C SER A 290 -16.81 1.47 -15.69
N GLY A 291 -17.08 1.94 -14.46
CA GLY A 291 -16.24 2.89 -13.80
C GLY A 291 -15.55 2.32 -12.57
N GLU A 292 -14.95 3.22 -11.79
CA GLU A 292 -14.13 2.84 -10.66
C GLU A 292 -15.01 2.29 -9.54
N LYS A 293 -14.44 2.17 -8.34
CA LYS A 293 -15.16 1.68 -7.17
C LYS A 293 -14.89 2.58 -5.97
N ALA A 301 -19.78 -0.03 -5.56
CA ALA A 301 -19.04 0.30 -4.34
C ALA A 301 -19.39 -0.68 -3.23
N VAL A 302 -18.46 -1.59 -2.94
CA VAL A 302 -18.66 -2.66 -1.94
C VAL A 302 -17.83 -2.30 -0.72
N TRP A 303 -18.51 -2.03 0.39
CA TRP A 303 -17.85 -1.63 1.63
C TRP A 303 -17.29 -2.85 2.37
N LEU A 304 -16.47 -2.57 3.38
CA LEU A 304 -15.94 -3.59 4.28
C LEU A 304 -16.56 -3.49 5.66
N ASP A 305 -17.42 -2.51 5.91
CA ASP A 305 -18.17 -2.42 7.16
C ASP A 305 -19.37 -3.36 7.08
N LYS A 306 -19.47 -4.29 8.04
CA LYS A 306 -20.55 -5.27 8.00
C LYS A 306 -21.91 -4.60 8.03
N ASP A 307 -22.00 -3.41 8.63
CA ASP A 307 -23.27 -2.68 8.71
C ASP A 307 -23.67 -2.03 7.40
N MSE A 308 -22.77 -1.95 6.42
CA MSE A 308 -23.08 -1.35 5.14
C MSE A 308 -23.12 -2.40 4.05
O MSE A 308 -23.90 -2.31 3.09
CB MSE A 308 -22.06 -0.27 4.78
CG MSE A 308 -21.86 0.75 5.86
SE MSE A 308 -20.58 2.10 5.32
CE MSE A 308 -20.12 2.75 7.08
H MSE A 308 -21.96 -2.23 6.49
HA MSE A 308 -23.96 -0.92 5.19
HB2 MSE A 308 -21.21 -0.71 4.61
HB3 MSE A 308 -22.36 0.18 3.97
HG2 MSE A 308 -22.70 1.20 6.04
HG3 MSE A 308 -21.53 0.31 6.66
HE1 MSE A 308 -19.46 3.46 7.00
HE2 MSE A 308 -20.92 3.10 7.51
HE3 MSE A 308 -19.75 2.03 7.60
N THR A 309 -22.27 -3.41 4.19
CA THR A 309 -22.24 -4.56 3.29
C THR A 309 -22.10 -5.81 4.16
N SER A 310 -23.21 -6.50 4.37
CA SER A 310 -23.18 -7.74 5.12
C SER A 310 -22.26 -8.75 4.46
N CYS A 311 -21.79 -9.71 5.26
CA CYS A 311 -20.94 -10.77 4.72
C CYS A 311 -21.61 -11.47 3.55
N TYR A 312 -22.92 -11.67 3.64
CA TYR A 312 -23.65 -12.29 2.54
C TYR A 312 -23.57 -11.45 1.28
N ASP A 313 -23.70 -10.13 1.41
CA ASP A 313 -23.65 -9.26 0.23
C ASP A 313 -22.25 -9.22 -0.37
N LEU A 314 -21.22 -9.12 0.47
CA LEU A 314 -19.85 -9.15 -0.02
C LEU A 314 -19.56 -10.43 -0.79
N TYR A 315 -19.74 -11.57 -0.10
CA TYR A 315 -19.64 -12.86 -0.78
C TYR A 315 -20.40 -12.85 -2.09
N GLN A 316 -21.65 -12.37 -2.07
CA GLN A 316 -22.47 -12.32 -3.27
C GLN A 316 -21.78 -11.54 -4.38
N TYR A 317 -21.12 -10.43 -4.02
CA TYR A 317 -20.41 -9.66 -5.02
C TYR A 317 -19.31 -10.50 -5.67
N PHE A 318 -18.49 -11.17 -4.85
CA PHE A 318 -17.37 -11.88 -5.45
C PHE A 318 -17.80 -13.17 -6.15
N VAL A 319 -18.97 -13.71 -5.85
CA VAL A 319 -19.46 -14.89 -6.56
C VAL A 319 -19.70 -14.55 -8.03
N ARG A 320 -20.28 -13.39 -8.30
CA ARG A 320 -20.73 -13.00 -9.63
C ARG A 320 -19.64 -12.38 -10.48
N VAL A 321 -18.37 -12.71 -10.22
CA VAL A 321 -17.27 -12.17 -11.00
C VAL A 321 -17.18 -12.90 -12.33
N ALA A 322 -16.85 -12.17 -13.39
CA ALA A 322 -16.77 -12.75 -14.72
C ALA A 322 -15.82 -13.95 -14.73
N ASP A 323 -16.20 -14.99 -15.47
CA ASP A 323 -15.29 -16.10 -15.70
C ASP A 323 -13.99 -15.62 -16.34
N SER A 324 -14.07 -14.58 -17.18
CA SER A 324 -12.88 -14.07 -17.84
C SER A 324 -11.89 -13.45 -16.85
N ASP A 325 -12.39 -12.97 -15.71
CA ASP A 325 -11.58 -12.19 -14.79
C ASP A 325 -11.15 -12.94 -13.53
N VAL A 326 -11.69 -14.13 -13.28
CA VAL A 326 -11.49 -14.78 -11.99
C VAL A 326 -10.03 -15.13 -11.76
N GLU A 327 -9.22 -15.27 -12.82
CA GLU A 327 -7.82 -15.59 -12.64
C GLU A 327 -7.08 -14.43 -12.00
N ARG A 328 -7.01 -13.30 -12.71
CA ARG A 328 -6.35 -12.12 -12.15
C ARG A 328 -6.93 -11.76 -10.79
N TYR A 329 -8.26 -11.81 -10.66
CA TYR A 329 -8.87 -11.49 -9.38
C TYR A 329 -8.38 -12.41 -8.28
N LEU A 330 -8.27 -13.71 -8.57
CA LEU A 330 -7.76 -14.65 -7.58
C LEU A 330 -6.31 -14.32 -7.21
N LYS A 331 -5.49 -14.01 -8.22
CA LYS A 331 -4.09 -13.69 -7.94
C LYS A 331 -3.97 -12.43 -7.08
N MSE A 332 -4.86 -11.47 -7.27
CA MSE A 332 -4.71 -10.18 -6.61
C MSE A 332 -5.37 -10.11 -5.23
O MSE A 332 -4.87 -9.43 -4.34
CB MSE A 332 -5.30 -9.07 -7.51
CG MSE A 332 -4.59 -8.93 -8.85
SE MSE A 332 -5.51 -7.72 -10.09
CE MSE A 332 -5.06 -6.03 -9.25
H MSE A 332 -5.56 -11.54 -7.76
HA MSE A 332 -3.77 -9.99 -6.51
HB2 MSE A 332 -6.24 -9.27 -7.68
HB3 MSE A 332 -5.23 -8.22 -7.04
HG2 MSE A 332 -3.70 -8.59 -8.70
HG3 MSE A 332 -4.55 -9.81 -9.27
HE1 MSE A 332 -5.45 -5.30 -9.76
HE2 MSE A 332 -5.40 -6.02 -8.34
HE3 MSE A 332 -4.09 -5.94 -9.23
N PHE A 333 -6.48 -10.82 -5.04
CA PHE A 333 -7.30 -10.66 -3.84
C PHE A 333 -7.16 -11.81 -2.85
N THR A 334 -6.21 -12.72 -3.04
CA THR A 334 -6.06 -13.86 -2.13
C THR A 334 -4.59 -14.18 -1.95
N PHE A 335 -4.31 -15.00 -0.93
CA PHE A 335 -2.97 -15.51 -0.67
C PHE A 335 -2.76 -16.92 -1.19
N VAL A 336 -3.73 -17.47 -1.91
CA VAL A 336 -3.58 -18.86 -2.37
C VAL A 336 -2.35 -18.95 -3.28
N PRO A 337 -1.53 -20.00 -3.18
CA PRO A 337 -0.38 -20.11 -4.07
C PRO A 337 -0.78 -20.08 -5.53
N THR A 338 0.13 -19.58 -6.37
CA THR A 338 -0.12 -19.54 -7.80
C THR A 338 -0.36 -20.92 -8.40
N PRO A 339 0.39 -21.97 -8.05
CA PRO A 339 0.08 -23.29 -8.64
C PRO A 339 -1.31 -23.79 -8.27
N ALA A 340 -1.71 -23.62 -7.01
CA ALA A 340 -3.06 -23.99 -6.61
C ALA A 340 -4.11 -23.28 -7.46
N ILE A 341 -3.81 -22.05 -7.89
CA ILE A 341 -4.70 -21.39 -8.85
C ILE A 341 -4.62 -22.07 -10.21
N LYS A 342 -3.41 -22.39 -10.67
CA LYS A 342 -3.27 -23.04 -11.97
C LYS A 342 -4.11 -24.30 -12.05
N GLU A 343 -4.10 -25.13 -10.99
CA GLU A 343 -4.91 -26.34 -10.98
C GLU A 343 -6.38 -26.02 -10.78
N LEU A 344 -6.69 -25.13 -9.83
CA LEU A 344 -8.08 -24.77 -9.58
C LEU A 344 -8.78 -24.21 -10.82
N MSE A 345 -8.03 -23.64 -11.75
CA MSE A 345 -8.60 -23.03 -12.93
C MSE A 345 -8.93 -24.07 -13.99
O MSE A 345 -9.84 -23.88 -14.81
CB MSE A 345 -7.65 -21.98 -13.51
CG MSE A 345 -7.60 -20.68 -12.72
SE MSE A 345 -9.33 -19.79 -12.63
CE MSE A 345 -9.58 -19.39 -14.53
H MSE A 345 -7.16 -23.61 -11.72
HA MSE A 345 -9.42 -22.58 -12.69
HB2 MSE A 345 -6.75 -22.35 -13.52
HB3 MSE A 345 -7.92 -21.77 -14.42
HG2 MSE A 345 -7.32 -20.87 -11.82
HG3 MSE A 345 -6.97 -20.08 -13.14
HE1 MSE A 345 -10.42 -18.93 -14.64
HE2 MSE A 345 -8.85 -18.83 -14.83
HE3 MSE A 345 -9.58 -20.23 -15.03
N GLU A 346 -8.17 -25.16 -14.00
CA GLU A 346 -8.53 -26.30 -14.84
C GLU A 346 -9.70 -27.06 -14.25
N GLU A 347 -9.63 -27.37 -12.94
CA GLU A 347 -10.76 -27.97 -12.26
C GLU A 347 -12.01 -27.11 -12.41
N HIS A 348 -11.85 -25.80 -12.54
CA HIS A 348 -12.98 -24.93 -12.85
C HIS A 348 -13.37 -25.05 -14.33
N ALA A 349 -12.39 -25.15 -15.21
CA ALA A 349 -12.67 -25.28 -16.64
C ALA A 349 -13.49 -26.53 -16.93
N LYS A 350 -13.41 -27.54 -16.07
CA LYS A 350 -14.25 -28.72 -16.21
C LYS A 350 -15.71 -28.33 -16.37
N ASP A 351 -16.29 -27.71 -15.34
CA ASP A 351 -17.69 -27.29 -15.35
C ASP A 351 -17.77 -25.85 -14.86
N PRO A 352 -17.55 -24.88 -15.76
CA PRO A 352 -17.71 -23.48 -15.36
C PRO A 352 -19.11 -23.13 -14.90
N SER A 353 -20.12 -23.94 -15.24
CA SER A 353 -21.47 -23.70 -14.75
C SER A 353 -21.45 -23.54 -13.23
N LYS A 354 -20.88 -24.51 -12.52
CA LYS A 354 -20.63 -24.37 -11.10
C LYS A 354 -19.45 -23.41 -10.89
N ARG A 355 -19.67 -22.34 -10.14
CA ARG A 355 -18.64 -21.33 -9.93
C ARG A 355 -17.52 -21.88 -9.05
N VAL A 356 -16.70 -22.78 -9.62
CA VAL A 356 -15.66 -23.43 -8.84
C VAL A 356 -14.65 -22.41 -8.32
N ALA A 357 -14.21 -21.51 -9.20
CA ALA A 357 -13.20 -20.52 -8.81
C ALA A 357 -13.84 -19.35 -8.08
N GLN A 358 -14.95 -18.82 -8.60
CA GLN A 358 -15.62 -17.71 -7.95
C GLN A 358 -15.86 -17.99 -6.47
N HIS A 359 -16.18 -19.24 -6.12
CA HIS A 359 -16.50 -19.59 -4.74
C HIS A 359 -15.26 -19.59 -3.86
N LYS A 360 -14.18 -20.24 -4.30
CA LYS A 360 -12.92 -20.16 -3.56
C LYS A 360 -12.50 -18.71 -3.37
N LEU A 361 -12.59 -17.90 -4.44
CA LEU A 361 -12.29 -16.47 -4.35
C LEU A 361 -13.11 -15.82 -3.23
N ALA A 362 -14.43 -15.91 -3.32
CA ALA A 362 -15.29 -15.22 -2.36
C ALA A 362 -15.00 -15.68 -0.94
N ARG A 363 -14.93 -17.00 -0.72
CA ARG A 363 -14.64 -17.51 0.61
C ARG A 363 -13.32 -16.96 1.14
N GLU A 364 -12.27 -17.05 0.33
CA GLU A 364 -10.96 -16.52 0.74
C GLU A 364 -11.07 -15.06 1.18
N PHE A 365 -11.65 -14.21 0.34
CA PHE A 365 -11.66 -12.79 0.65
C PHE A 365 -12.50 -12.49 1.87
N VAL A 366 -13.71 -13.05 1.94
CA VAL A 366 -14.59 -12.82 3.08
C VAL A 366 -13.93 -13.29 4.37
N GLU A 367 -13.09 -14.33 4.29
CA GLU A 367 -12.31 -14.71 5.46
C GLU A 367 -11.27 -13.64 5.78
N LEU A 368 -10.55 -13.18 4.77
CA LEU A 368 -9.52 -12.18 4.99
C LEU A 368 -10.07 -10.92 5.64
N ILE A 369 -11.34 -10.61 5.39
CA ILE A 369 -11.93 -9.35 5.85
C ILE A 369 -12.72 -9.52 7.14
N HIS A 370 -13.61 -10.51 7.20
CA HIS A 370 -14.61 -10.60 8.25
C HIS A 370 -14.43 -11.78 9.20
N GLY A 371 -13.38 -12.58 9.03
CA GLY A 371 -13.14 -13.70 9.91
C GLY A 371 -13.50 -15.02 9.23
N SER A 372 -12.96 -16.10 9.79
CA SER A 372 -13.15 -17.42 9.20
C SER A 372 -14.58 -17.91 9.43
N LEU A 373 -15.11 -17.75 10.65
CA LEU A 373 -16.46 -18.21 10.93
C LEU A 373 -17.48 -17.47 10.07
N SER A 374 -17.41 -16.13 10.06
CA SER A 374 -18.28 -15.35 9.17
C SER A 374 -18.14 -15.81 7.73
N ALA A 375 -16.91 -16.08 7.29
CA ALA A 375 -16.69 -16.48 5.90
C ALA A 375 -17.39 -17.78 5.59
N GLU A 376 -17.24 -18.79 6.44
CA GLU A 376 -17.88 -20.08 6.18
C GLU A 376 -19.40 -19.98 6.33
N GLN A 377 -19.89 -19.09 7.20
CA GLN A 377 -21.33 -18.84 7.27
C GLN A 377 -21.86 -18.32 5.95
N ALA A 378 -21.28 -17.21 5.46
CA ALA A 378 -21.68 -16.68 4.16
C ALA A 378 -21.55 -17.74 3.07
N ALA A 379 -20.50 -18.57 3.14
CA ALA A 379 -20.29 -19.60 2.13
C ALA A 379 -21.40 -20.63 2.13
N LYS A 380 -21.70 -21.21 3.30
CA LYS A 380 -22.76 -22.20 3.38
C LYS A 380 -24.10 -21.60 2.96
N ASP A 381 -24.35 -20.35 3.33
CA ASP A 381 -25.57 -19.67 2.92
C ASP A 381 -25.70 -19.70 1.40
N HIS A 382 -24.81 -19.00 0.71
CA HIS A 382 -24.85 -18.96 -0.75
C HIS A 382 -24.50 -20.32 -1.35
N TYR B . -3.87 10.49 -1.60
CA TYR B . -4.49 9.32 -0.99
C TYR B . -5.94 9.17 -1.43
O TYR B . -6.52 8.08 -1.44
CB TYR B . -4.41 9.41 0.54
CG TYR B . -3.01 9.61 1.09
CD1 TYR B . -1.91 9.00 0.50
CD2 TYR B . -2.79 10.42 2.20
CE1 TYR B . -0.63 9.19 1.00
CE2 TYR B . -1.52 10.61 2.71
CZ TYR B . -0.44 9.99 2.11
OH TYR B . 0.82 10.18 2.62
OXT TYR B . -6.60 10.16 -1.79
HA TYR B . -4.01 8.53 -1.26
HB2 TYR B . -4.95 10.16 0.84
HB3 TYR B . -4.75 8.58 0.92
HD1 TYR B . -2.03 8.46 -0.24
HD2 TYR B . -3.51 10.84 2.61
HE1 TYR B . 0.10 8.77 0.60
HE2 TYR B . -1.39 11.15 3.45
HH TYR B . 0.79 10.70 3.28
#